data_4GYL
#
_entry.id   4GYL
#
_cell.length_a   130.490
_cell.length_b   130.490
_cell.length_c   130.490
_cell.angle_alpha   90.000
_cell.angle_beta   90.000
_cell.angle_gamma   90.000
#
_symmetry.space_group_name_H-M   'P 42 3 2'
#
loop_
_entity.id
_entity.type
_entity.pdbx_description
1 polymer 'Aliphatic amidase'
2 non-polymer PROPIONAMIDE
3 non-polymer 'CHLORIDE ION'
4 water water
#
_entity_poly.entity_id   1
_entity_poly.type   'polypeptide(L)'
_entity_poly.pdbx_seq_one_letter_code
;MRHGDISSSHDTVGIAVVNYKMPRLHTKAEVIENAKKIADMVVGMKQGLPGMDLVVFPEYSTMGIMYDQDEMFATAASIP
GEETAIFAEACKKADTWGVFSLTGEKHEDHPNKAPYNTLVLINNKGEIVQKYRKIIPWCPILGWYPGDTTYVTEGPKGLK
ISLIVCDDGNYPEIWRDCAMKGAELIVRCQGYMYPAKEQQIMMAKAMAWANNTYVAVANATGFDGVYSYFGHSAIIGFDG
RTLGECGTEENGIQYAEVSISQIRDFRKNAQSQNHLFKLLHRGYTGLINSGEGDRGVAECPFDFYRTWVLDAEKARENVE
KITRSTVGTAECPIQGIPNEGKTKEIGV
;
_entity_poly.pdbx_strand_id   A
#
# COMPACT_ATOMS: atom_id res chain seq x y z
N MET A 1 -5.65 -11.96 14.81
CA MET A 1 -6.25 -10.58 14.87
C MET A 1 -6.35 -10.15 16.35
N ARG A 2 -5.23 -9.78 16.95
CA ARG A 2 -5.20 -9.44 18.33
C ARG A 2 -4.05 -8.45 18.60
N HIS A 3 -4.29 -7.59 19.58
CA HIS A 3 -3.41 -6.42 19.81
C HIS A 3 -3.00 -6.31 21.27
N GLY A 4 -1.68 -6.07 21.43
CA GLY A 4 -1.07 -5.61 22.67
C GLY A 4 0.15 -6.35 23.17
N ASP A 5 0.40 -7.52 22.60
CA ASP A 5 1.58 -8.28 22.94
C ASP A 5 2.67 -8.06 21.90
N ILE A 6 3.89 -8.48 22.29
CA ILE A 6 5.11 -8.46 21.43
C ILE A 6 5.46 -9.75 20.85
N SER A 7 4.76 -10.82 21.27
CA SER A 7 4.93 -12.16 20.74
C SER A 7 4.17 -12.37 19.39
N SER A 8 4.34 -13.59 18.81
CA SER A 8 3.51 -14.14 17.74
C SER A 8 3.51 -15.66 17.86
N SER A 9 2.53 -16.33 17.27
CA SER A 9 2.44 -17.75 17.37
C SER A 9 2.47 -18.34 15.97
N HIS A 10 2.50 -19.64 15.87
CA HIS A 10 2.39 -20.31 14.57
C HIS A 10 1.16 -19.87 13.78
N ASP A 11 0.09 -19.42 14.43
CA ASP A 11 -1.12 -18.98 13.72
C ASP A 11 -1.10 -17.51 13.33
N THR A 12 -0.28 -16.73 14.00
CA THR A 12 -0.24 -15.27 13.80
C THR A 12 1.00 -14.76 13.12
N VAL A 13 0.77 -13.83 12.23
CA VAL A 13 1.89 -13.04 11.69
C VAL A 13 2.05 -11.74 12.48
N GLY A 14 3.25 -11.53 13.02
CA GLY A 14 3.62 -10.34 13.75
C GLY A 14 4.00 -9.23 12.88
N ILE A 15 3.12 -8.25 12.70
CA ILE A 15 3.35 -7.14 11.83
C ILE A 15 3.69 -5.82 12.62
N ALA A 16 4.77 -5.16 12.18
CA ALA A 16 5.21 -3.90 12.72
C ALA A 16 5.12 -2.88 11.61
N VAL A 17 4.54 -1.73 11.89
CA VAL A 17 4.53 -0.59 10.96
C VAL A 17 5.26 0.58 11.57
N VAL A 18 5.95 1.35 10.72
CA VAL A 18 6.76 2.44 11.18
C VAL A 18 6.38 3.81 10.63
N ASN A 19 6.17 4.74 11.60
CA ASN A 19 5.86 6.17 11.37
C ASN A 19 7.23 6.86 11.01
N TYR A 20 7.90 6.39 9.94
CA TYR A 20 9.31 6.78 9.71
C TYR A 20 9.39 8.23 9.37
N LYS A 21 10.22 8.95 10.11
CA LYS A 21 10.46 10.38 9.89
C LYS A 21 10.93 10.62 8.47
N MET A 22 10.24 11.47 7.71
CA MET A 22 10.60 11.70 6.31
C MET A 22 11.96 12.36 6.18
N PRO A 23 12.85 11.67 5.45
CA PRO A 23 14.18 12.21 5.08
C PRO A 23 14.14 13.40 4.16
N ARG A 24 15.16 14.23 4.28
CA ARG A 24 15.34 15.35 3.39
C ARG A 24 16.71 15.21 2.77
N LEU A 25 16.77 14.57 1.65
CA LEU A 25 18.01 14.10 1.06
C LEU A 25 18.20 14.63 -0.37
N HIS A 26 19.44 14.52 -0.87
CA HIS A 26 19.82 15.17 -2.16
C HIS A 26 20.78 14.37 -3.01
N THR A 27 21.50 13.46 -2.40
CA THR A 27 22.48 12.68 -3.11
C THR A 27 22.35 11.17 -2.88
N LYS A 28 22.95 10.42 -3.78
CA LYS A 28 23.00 8.96 -3.67
C LYS A 28 23.71 8.48 -2.37
N ALA A 29 24.77 9.19 -1.97
CA ALA A 29 25.42 8.84 -0.74
C ALA A 29 24.51 9.01 0.45
N GLU A 30 23.77 10.07 0.48
CA GLU A 30 22.82 10.30 1.61
C GLU A 30 21.68 9.28 1.65
N VAL A 31 21.24 8.81 0.46
CA VAL A 31 20.26 7.74 0.37
C VAL A 31 20.80 6.47 0.96
N ILE A 32 22.05 6.10 0.57
CA ILE A 32 22.64 4.88 1.06
C ILE A 32 22.76 4.95 2.59
N GLU A 33 23.29 6.07 3.13
CA GLU A 33 23.34 6.26 4.58
C GLU A 33 21.99 6.03 5.28
N ASN A 34 20.94 6.62 4.68
CA ASN A 34 19.60 6.48 5.28
C ASN A 34 19.11 5.04 5.18
N ALA A 35 19.39 4.41 4.06
CA ALA A 35 19.05 2.97 3.90
C ALA A 35 19.65 2.15 5.03
N LYS A 36 20.89 2.46 5.42
CA LYS A 36 21.52 1.78 6.51
C LYS A 36 20.91 2.09 7.87
N LYS A 37 20.38 3.30 8.01
CA LYS A 37 19.60 3.69 9.22
C LYS A 37 18.33 2.84 9.34
N ILE A 38 17.61 2.67 8.22
CA ILE A 38 16.48 1.79 8.20
C ILE A 38 16.81 0.36 8.58
N ALA A 39 17.93 -0.16 8.03
CA ALA A 39 18.40 -1.50 8.36
C ALA A 39 18.69 -1.65 9.84
N ASP A 40 19.43 -0.67 10.44
CA ASP A 40 19.68 -0.65 11.83
C ASP A 40 18.40 -0.64 12.63
N MET A 41 17.40 0.07 12.16
CA MET A 41 16.14 0.16 12.84
C MET A 41 15.41 -1.20 12.88
N VAL A 42 15.39 -1.87 11.74
CA VAL A 42 14.80 -3.23 11.65
C VAL A 42 15.38 -4.21 12.67
N VAL A 43 16.72 -4.25 12.69
CA VAL A 43 17.42 -5.09 13.61
C VAL A 43 17.11 -4.75 15.08
N GLY A 44 17.08 -3.45 15.43
CA GLY A 44 16.79 -3.06 16.76
C GLY A 44 15.37 -3.38 17.17
N MET A 45 14.44 -3.14 16.26
CA MET A 45 13.04 -3.42 16.53
C MET A 45 12.79 -4.89 16.83
N LYS A 46 13.48 -5.81 16.14
CA LYS A 46 13.29 -7.21 16.35
C LYS A 46 13.75 -7.64 17.76
N GLN A 47 14.81 -7.01 18.24
CA GLN A 47 15.16 -7.18 19.63
C GLN A 47 13.99 -6.90 20.57
N GLY A 48 13.17 -5.91 20.32
CA GLY A 48 12.04 -5.65 21.20
C GLY A 48 10.77 -6.35 20.89
N LEU A 49 10.64 -6.84 19.65
CA LEU A 49 9.46 -7.46 19.14
C LEU A 49 9.80 -8.84 18.65
N PRO A 50 9.95 -9.79 19.56
CA PRO A 50 10.38 -11.12 19.16
C PRO A 50 9.39 -11.82 18.23
N GLY A 51 8.13 -11.35 18.23
CA GLY A 51 7.14 -11.94 17.35
C GLY A 51 7.13 -11.38 15.97
N MET A 52 7.90 -10.33 15.73
CA MET A 52 7.94 -9.69 14.37
C MET A 52 8.29 -10.65 13.27
N ASP A 53 7.36 -10.74 12.30
CA ASP A 53 7.52 -11.46 11.07
C ASP A 53 7.56 -10.57 9.86
N LEU A 54 6.97 -9.37 9.98
CA LEU A 54 6.84 -8.41 8.86
C LEU A 54 6.98 -7.03 9.34
N VAL A 55 7.92 -6.28 8.73
CA VAL A 55 8.15 -4.91 9.07
C VAL A 55 7.87 -4.05 7.84
N VAL A 56 7.17 -2.97 8.06
CA VAL A 56 6.68 -2.12 7.01
C VAL A 56 7.16 -0.68 7.18
N PHE A 57 7.81 -0.15 6.14
CA PHE A 57 8.22 1.23 6.08
C PHE A 57 7.41 2.09 5.09
N PRO A 58 7.27 3.40 5.35
CA PRO A 58 6.54 4.31 4.49
C PRO A 58 7.06 4.45 3.05
N GLU A 59 6.20 4.76 2.11
CA GLU A 59 6.62 5.26 0.81
C GLU A 59 7.53 6.46 1.09
N TYR A 60 8.60 6.57 0.29
CA TYR A 60 9.59 7.58 0.36
C TYR A 60 10.54 7.47 1.60
N SER A 61 10.40 6.47 2.45
CA SER A 61 11.27 6.40 3.61
C SER A 61 12.75 6.31 3.32
N THR A 62 13.08 5.81 2.14
CA THR A 62 14.49 5.58 1.74
C THR A 62 15.10 6.85 1.16
N MET A 63 14.44 7.46 0.14
CA MET A 63 15.00 8.59 -0.52
C MET A 63 14.46 9.95 0.00
N GLY A 64 13.35 9.95 0.75
CA GLY A 64 12.52 11.18 0.88
C GLY A 64 11.88 11.41 -0.48
N ILE A 65 11.23 12.55 -0.63
CA ILE A 65 10.69 12.98 -1.94
C ILE A 65 11.75 13.81 -2.65
N MET A 66 12.18 13.37 -3.79
CA MET A 66 13.23 14.08 -4.53
C MET A 66 12.49 15.14 -5.42
N TYR A 67 12.20 16.31 -4.83
CA TYR A 67 11.46 17.39 -5.51
C TYR A 67 12.22 17.92 -6.74
N ASP A 68 13.52 17.91 -6.64
CA ASP A 68 14.36 18.36 -7.71
C ASP A 68 14.51 17.25 -8.73
N GLN A 69 14.16 17.53 -9.98
CA GLN A 69 14.19 16.54 -11.09
C GLN A 69 15.58 15.90 -11.30
N ASP A 70 16.60 16.74 -11.28
CA ASP A 70 17.90 16.19 -11.48
C ASP A 70 18.34 15.22 -10.42
N GLU A 71 18.03 15.59 -9.19
CA GLU A 71 18.34 14.76 -8.02
C GLU A 71 17.50 13.46 -8.04
N MET A 72 16.25 13.59 -8.46
CA MET A 72 15.34 12.45 -8.70
C MET A 72 16.02 11.41 -9.64
N PHE A 73 16.59 11.91 -10.73
CA PHE A 73 17.15 11.04 -11.74
C PHE A 73 18.41 10.48 -11.23
N ALA A 74 19.21 11.31 -10.55
CA ALA A 74 20.51 10.86 -10.03
C ALA A 74 20.38 9.79 -8.95
N THR A 75 19.30 9.81 -8.15
CA THR A 75 19.16 8.90 -7.04
C THR A 75 18.19 7.72 -7.35
N ALA A 76 17.65 7.63 -8.57
CA ALA A 76 16.67 6.57 -8.88
C ALA A 76 17.39 5.23 -8.73
N ALA A 77 16.77 4.23 -8.10
CA ALA A 77 17.39 2.96 -7.77
C ALA A 77 17.19 1.89 -8.85
N SER A 78 18.13 0.98 -8.92
CA SER A 78 17.95 -0.29 -9.57
C SER A 78 17.35 -1.30 -8.57
N ILE A 79 16.42 -2.10 -9.03
CA ILE A 79 15.92 -3.24 -8.27
C ILE A 79 16.17 -4.54 -9.03
N PRO A 80 16.97 -5.47 -8.47
CA PRO A 80 17.70 -5.41 -7.19
C PRO A 80 18.82 -4.38 -7.29
N GLY A 81 19.20 -3.77 -6.18
CA GLY A 81 20.34 -2.86 -6.18
C GLY A 81 20.98 -2.76 -4.82
N GLU A 82 21.77 -1.69 -4.61
CA GLU A 82 22.51 -1.57 -3.42
C GLU A 82 21.54 -1.37 -2.19
N GLU A 83 20.52 -0.51 -2.36
CA GLU A 83 19.55 -0.26 -1.31
C GLU A 83 18.85 -1.51 -0.89
N THR A 84 18.30 -2.22 -1.85
CA THR A 84 17.64 -3.48 -1.57
C THR A 84 18.55 -4.49 -0.94
N ALA A 85 19.84 -4.54 -1.28
CA ALA A 85 20.75 -5.47 -0.60
C ALA A 85 20.92 -5.11 0.86
N ILE A 86 20.93 -3.80 1.14
CA ILE A 86 21.13 -3.29 2.52
C ILE A 86 19.88 -3.75 3.34
N PHE A 87 18.69 -3.56 2.73
CA PHE A 87 17.42 -4.05 3.35
C PHE A 87 17.41 -5.57 3.53
N ALA A 88 17.83 -6.32 2.52
CA ALA A 88 17.84 -7.76 2.58
C ALA A 88 18.66 -8.30 3.68
N GLU A 89 19.81 -7.67 3.92
CA GLU A 89 20.68 -8.12 5.00
C GLU A 89 20.00 -7.92 6.35
N ALA A 90 19.31 -6.80 6.55
CA ALA A 90 18.56 -6.57 7.78
C ALA A 90 17.44 -7.64 7.95
N CYS A 91 16.73 -7.99 6.87
CA CYS A 91 15.72 -8.99 6.94
C CYS A 91 16.30 -10.37 7.34
N LYS A 92 17.43 -10.76 6.75
CA LYS A 92 18.07 -12.00 7.16
C LYS A 92 18.53 -11.93 8.58
N LYS A 93 19.23 -10.86 8.95
CA LYS A 93 19.73 -10.76 10.35
C LYS A 93 18.64 -10.80 11.41
N ALA A 94 17.52 -10.12 11.16
CA ALA A 94 16.43 -10.02 12.12
C ALA A 94 15.39 -11.09 11.89
N ASP A 95 15.62 -11.94 10.87
CA ASP A 95 14.77 -13.03 10.55
C ASP A 95 13.29 -12.54 10.42
N THR A 96 13.10 -11.55 9.53
CA THR A 96 11.76 -11.02 9.31
C THR A 96 11.64 -10.79 7.83
N TRP A 97 10.40 -10.67 7.37
CA TRP A 97 10.12 -10.08 6.06
C TRP A 97 9.98 -8.56 6.22
N GLY A 98 10.16 -7.83 5.10
CA GLY A 98 10.07 -6.40 5.13
C GLY A 98 9.55 -5.80 3.86
N VAL A 99 8.94 -4.62 4.02
CA VAL A 99 8.39 -3.84 2.86
C VAL A 99 9.08 -2.52 2.85
N PHE A 100 9.83 -2.29 1.80
CA PHE A 100 10.65 -1.06 1.58
C PHE A 100 10.31 -0.34 0.34
N SER A 101 10.62 0.93 0.32
CA SER A 101 10.22 1.89 -0.71
C SER A 101 11.39 2.45 -1.52
N LEU A 102 11.30 2.34 -2.86
CA LEU A 102 12.32 2.93 -3.77
C LEU A 102 11.64 3.95 -4.62
N THR A 103 11.98 5.19 -4.40
CA THR A 103 11.36 6.31 -5.01
C THR A 103 12.41 7.30 -5.47
N GLY A 104 12.88 7.22 -6.72
CA GLY A 104 12.32 6.33 -7.78
C GLY A 104 13.01 5.01 -7.95
N GLU A 105 12.39 4.15 -8.75
CA GLU A 105 13.01 3.06 -9.40
C GLU A 105 13.20 3.45 -10.87
N LYS A 106 14.43 3.24 -11.36
CA LYS A 106 14.70 3.55 -12.78
C LYS A 106 13.69 2.95 -13.75
N HIS A 107 13.21 3.78 -14.66
CA HIS A 107 12.34 3.34 -15.76
C HIS A 107 13.19 2.50 -16.71
N GLU A 108 12.57 1.58 -17.44
CA GLU A 108 13.28 0.85 -18.50
C GLU A 108 14.03 1.84 -19.40
N ASP A 109 13.49 3.01 -19.64
CA ASP A 109 14.08 4.05 -20.52
C ASP A 109 14.78 5.16 -19.75
N HIS A 110 15.27 4.85 -18.55
CA HIS A 110 15.97 5.82 -17.70
C HIS A 110 17.18 6.34 -18.51
N PRO A 111 17.50 7.64 -18.45
CA PRO A 111 16.88 8.74 -17.70
C PRO A 111 15.90 9.57 -18.57
N ASN A 112 15.33 8.95 -19.61
CA ASN A 112 14.47 9.68 -20.54
C ASN A 112 12.98 9.54 -20.27
N LYS A 113 12.62 8.69 -19.29
CA LYS A 113 11.22 8.66 -18.81
C LYS A 113 11.30 8.64 -17.29
N ALA A 114 10.27 9.21 -16.72
CA ALA A 114 10.10 9.35 -15.24
C ALA A 114 10.25 8.00 -14.54
N PRO A 115 10.93 7.98 -13.36
CA PRO A 115 11.06 6.75 -12.57
C PRO A 115 9.71 6.26 -12.10
N TYR A 116 9.63 4.94 -11.85
CA TYR A 116 8.50 4.43 -11.07
C TYR A 116 8.66 4.76 -9.56
N ASN A 117 7.54 4.59 -8.89
CA ASN A 117 7.44 4.65 -7.43
C ASN A 117 7.13 3.23 -6.93
N THR A 118 8.11 2.59 -6.28
CA THR A 118 8.10 1.15 -6.13
C THR A 118 8.21 0.68 -4.70
N LEU A 119 7.63 -0.49 -4.43
CA LEU A 119 7.73 -1.13 -3.21
C LEU A 119 8.24 -2.55 -3.45
N VAL A 120 9.10 -3.01 -2.54
CA VAL A 120 9.46 -4.42 -2.52
C VAL A 120 9.03 -5.10 -1.25
N LEU A 121 8.68 -6.38 -1.40
CA LEU A 121 8.52 -7.30 -0.31
C LEU A 121 9.74 -8.23 -0.34
N ILE A 122 10.48 -8.23 0.78
CA ILE A 122 11.70 -9.00 0.95
C ILE A 122 11.40 -10.04 2.01
N ASN A 123 11.67 -11.31 1.71
CA ASN A 123 11.50 -12.35 2.69
C ASN A 123 12.68 -12.46 3.68
N ASN A 124 12.52 -13.32 4.68
CA ASN A 124 13.48 -13.47 5.77
C ASN A 124 14.78 -14.15 5.32
N LYS A 125 14.83 -14.61 4.06
CA LYS A 125 16.09 -15.01 3.43
C LYS A 125 16.71 -13.95 2.54
N GLY A 126 16.15 -12.76 2.55
CA GLY A 126 16.77 -11.69 1.74
C GLY A 126 16.30 -11.63 0.31
N GLU A 127 15.28 -12.42 -0.05
CA GLU A 127 14.87 -12.52 -1.43
C GLU A 127 13.74 -11.55 -1.72
N ILE A 128 13.85 -10.82 -2.82
CA ILE A 128 12.68 -9.98 -3.28
C ILE A 128 11.59 -10.87 -3.87
N VAL A 129 10.44 -10.93 -3.23
CA VAL A 129 9.35 -11.77 -3.68
C VAL A 129 8.18 -11.02 -4.31
N GLN A 130 8.13 -9.71 -4.18
CA GLN A 130 7.14 -8.88 -4.88
C GLN A 130 7.75 -7.53 -5.12
N LYS A 131 7.55 -6.99 -6.34
CA LYS A 131 7.94 -5.65 -6.69
C LYS A 131 6.70 -4.97 -7.28
N TYR A 132 6.17 -4.00 -6.57
CA TYR A 132 4.98 -3.27 -6.95
C TYR A 132 5.30 -1.85 -7.35
N ARG A 133 4.86 -1.48 -8.58
CA ARG A 133 4.94 -0.12 -9.09
C ARG A 133 3.64 0.61 -9.02
N LYS A 134 3.62 1.72 -8.30
CA LYS A 134 2.38 2.50 -8.03
C LYS A 134 1.55 2.77 -9.30
N ILE A 135 0.30 2.35 -9.29
CA ILE A 135 -0.64 2.52 -10.43
C ILE A 135 -1.28 3.90 -10.52
N ILE A 136 -1.38 4.60 -9.39
CA ILE A 136 -2.02 5.92 -9.37
C ILE A 136 -1.16 6.88 -8.63
N PRO A 137 -0.14 7.40 -9.33
CA PRO A 137 0.67 8.48 -8.73
C PRO A 137 -0.13 9.72 -8.23
N TRP A 138 0.36 10.37 -7.15
CA TRP A 138 -0.32 11.56 -6.54
C TRP A 138 -0.16 12.85 -7.34
N CYS A 139 -0.70 12.82 -8.56
CA CYS A 139 -0.81 13.95 -9.39
C CYS A 139 -1.77 14.98 -8.78
N PRO A 140 -1.52 16.28 -8.99
CA PRO A 140 -0.48 16.84 -9.93
C PRO A 140 0.98 16.93 -9.41
N ILE A 141 1.19 16.99 -8.08
CA ILE A 141 2.54 17.46 -7.58
C ILE A 141 3.63 16.44 -7.87
N LEU A 142 3.25 15.17 -7.80
CA LEU A 142 4.24 14.10 -7.97
C LEU A 142 4.26 13.39 -9.32
N GLY A 143 5.48 13.20 -9.88
CA GLY A 143 5.64 12.98 -11.32
C GLY A 143 6.09 11.57 -11.72
N TRP A 144 5.73 10.55 -10.91
CA TRP A 144 6.17 9.20 -11.19
C TRP A 144 5.45 8.61 -12.39
N TYR A 145 6.18 7.77 -13.11
CA TYR A 145 5.59 6.94 -14.18
C TYR A 145 4.64 5.91 -13.54
N PRO A 146 3.40 5.87 -14.02
CA PRO A 146 2.49 4.86 -13.42
C PRO A 146 2.78 3.40 -13.81
N GLY A 147 2.62 2.51 -12.83
CA GLY A 147 2.74 1.09 -13.05
C GLY A 147 1.42 0.56 -13.56
N ASP A 148 1.31 -0.73 -13.79
CA ASP A 148 0.02 -1.20 -14.35
C ASP A 148 -0.55 -2.50 -13.75
N THR A 149 0.03 -3.05 -12.68
CA THR A 149 -0.34 -4.39 -12.24
C THR A 149 -0.35 -4.45 -10.70
N THR A 150 -1.33 -5.15 -10.11
CA THR A 150 -1.22 -5.66 -8.69
C THR A 150 -0.69 -7.10 -8.65
N TYR A 151 -0.23 -7.52 -7.47
CA TYR A 151 0.38 -8.83 -7.24
C TYR A 151 -0.10 -9.34 -5.85
N VAL A 152 -0.21 -10.65 -5.76
CA VAL A 152 -0.38 -11.40 -4.50
C VAL A 152 0.81 -12.40 -4.34
N THR A 153 1.44 -12.37 -3.20
CA THR A 153 2.60 -13.20 -2.89
C THR A 153 2.34 -13.89 -1.56
N GLU A 154 2.75 -15.14 -1.47
CA GLU A 154 2.75 -15.89 -0.25
C GLU A 154 3.79 -15.30 0.72
N GLY A 155 3.33 -14.84 1.88
CA GLY A 155 4.22 -14.14 2.82
C GLY A 155 4.58 -14.99 4.03
N PRO A 156 4.98 -14.34 5.13
CA PRO A 156 5.32 -15.09 6.34
C PRO A 156 4.21 -16.00 6.78
N LYS A 157 4.54 -17.23 7.12
CA LYS A 157 3.52 -18.24 7.50
C LYS A 157 2.40 -18.51 6.51
N GLY A 158 2.61 -18.13 5.28
CA GLY A 158 1.65 -18.39 4.25
C GLY A 158 0.62 -17.31 4.04
N LEU A 159 0.75 -16.20 4.79
CA LEU A 159 -0.20 -15.12 4.73
C LEU A 159 -0.10 -14.44 3.32
N LYS A 160 -1.19 -14.34 2.57
CA LYS A 160 -1.13 -13.76 1.19
C LYS A 160 -1.10 -12.25 1.25
N ILE A 161 -0.07 -11.66 0.62
CA ILE A 161 0.18 -10.25 0.71
C ILE A 161 0.13 -9.54 -0.63
N SER A 162 -0.55 -8.39 -0.68
CA SER A 162 -0.45 -7.44 -1.82
C SER A 162 0.04 -6.13 -1.26
N LEU A 163 0.83 -5.41 -2.05
CA LEU A 163 1.33 -4.10 -1.71
C LEU A 163 0.62 -3.01 -2.57
N ILE A 164 0.33 -1.86 -1.98
CA ILE A 164 -0.14 -0.70 -2.69
C ILE A 164 0.48 0.50 -2.08
N VAL A 165 0.42 1.63 -2.79
CA VAL A 165 1.11 2.88 -2.42
C VAL A 165 0.19 4.07 -2.32
N CYS A 166 0.19 4.71 -1.14
CA CYS A 166 -0.34 6.06 -0.87
C CYS A 166 -1.65 6.31 -1.61
N ASP A 167 -1.54 7.15 -2.62
CA ASP A 167 -2.72 7.64 -3.42
C ASP A 167 -3.57 6.51 -3.95
N ASP A 168 -2.94 5.40 -4.29
CA ASP A 168 -3.65 4.20 -4.65
C ASP A 168 -4.88 3.88 -3.77
N GLY A 169 -4.67 3.91 -2.46
CA GLY A 169 -5.69 3.62 -1.52
C GLY A 169 -6.92 4.46 -1.46
N ASN A 170 -6.92 5.62 -2.11
CA ASN A 170 -8.15 6.43 -2.20
C ASN A 170 -9.14 5.79 -3.12
N TYR A 171 -8.71 4.80 -3.90
CA TYR A 171 -9.47 4.20 -4.99
C TYR A 171 -9.87 2.77 -4.59
N PRO A 172 -11.16 2.59 -4.19
CA PRO A 172 -11.62 1.25 -3.78
C PRO A 172 -11.28 0.09 -4.68
N GLU A 173 -11.18 0.37 -5.95
CA GLU A 173 -10.90 -0.59 -7.00
C GLU A 173 -9.62 -1.34 -6.72
N ILE A 174 -8.58 -0.67 -6.23
CA ILE A 174 -7.32 -1.40 -6.12
C ILE A 174 -7.44 -2.42 -4.97
N TRP A 175 -8.07 -1.98 -3.86
CA TRP A 175 -8.20 -2.86 -2.68
C TRP A 175 -9.02 -4.16 -3.07
N ARG A 176 -10.04 -3.94 -3.89
CA ARG A 176 -10.86 -5.00 -4.46
C ARG A 176 -10.09 -5.98 -5.31
N ASP A 177 -9.30 -5.44 -6.21
CA ASP A 177 -8.48 -6.16 -7.15
C ASP A 177 -7.55 -7.04 -6.36
N CYS A 178 -6.84 -6.48 -5.36
CA CYS A 178 -5.98 -7.35 -4.56
C CYS A 178 -6.71 -8.45 -3.82
N ALA A 179 -7.81 -8.14 -3.13
CA ALA A 179 -8.52 -9.14 -2.36
C ALA A 179 -9.06 -10.22 -3.27
N MET A 180 -9.61 -9.81 -4.43
CA MET A 180 -10.11 -10.75 -5.43
C MET A 180 -9.06 -11.67 -6.04
N LYS A 181 -7.81 -11.25 -6.02
CA LYS A 181 -6.69 -12.12 -6.34
C LYS A 181 -6.25 -13.04 -5.20
N GLY A 182 -6.86 -12.93 -4.05
CA GLY A 182 -6.57 -13.72 -2.87
C GLY A 182 -5.83 -13.08 -1.69
N ALA A 183 -5.46 -11.82 -1.80
CA ALA A 183 -4.73 -11.09 -0.77
C ALA A 183 -5.51 -11.26 0.54
N GLU A 184 -4.75 -11.60 1.57
CA GLU A 184 -5.23 -11.65 2.95
C GLU A 184 -4.74 -10.48 3.79
N LEU A 185 -3.68 -9.79 3.32
CA LEU A 185 -3.16 -8.58 3.89
C LEU A 185 -2.87 -7.67 2.74
N ILE A 186 -3.39 -6.43 2.80
CA ILE A 186 -2.98 -5.36 1.84
C ILE A 186 -2.18 -4.38 2.65
N VAL A 187 -0.97 -4.20 2.21
CA VAL A 187 -0.04 -3.26 2.84
C VAL A 187 -0.02 -1.98 2.02
N ARG A 188 -0.44 -0.92 2.64
CA ARG A 188 -0.44 0.44 2.09
C ARG A 188 0.69 1.28 2.64
N CYS A 189 1.76 1.43 1.89
CA CYS A 189 2.89 2.26 2.30
C CYS A 189 2.67 3.67 1.79
N GLN A 190 2.83 4.64 2.64
CA GLN A 190 2.59 6.04 2.24
C GLN A 190 3.47 7.09 2.89
N GLY A 191 3.66 8.20 2.12
CA GLY A 191 4.14 9.48 2.60
C GLY A 191 2.95 10.38 2.34
N TYR A 192 1.93 10.20 3.15
CA TYR A 192 0.65 10.93 3.00
C TYR A 192 0.71 12.22 3.84
N MET A 193 0.85 13.28 3.09
CA MET A 193 0.99 14.58 3.61
C MET A 193 -0.35 15.12 4.14
N TYR A 194 -0.33 15.91 5.22
CA TYR A 194 -1.47 16.82 5.44
C TYR A 194 -1.75 17.59 4.09
N PRO A 195 -3.03 17.86 3.76
CA PRO A 195 -4.15 17.95 4.74
C PRO A 195 -4.98 16.73 5.16
N ALA A 196 -5.09 15.71 4.31
CA ALA A 196 -6.22 14.74 4.40
C ALA A 196 -6.11 13.63 5.43
N LYS A 197 -5.78 14.01 6.65
CA LYS A 197 -5.46 13.05 7.75
C LYS A 197 -6.64 12.09 8.15
N GLU A 198 -7.78 12.65 8.60
CA GLU A 198 -8.94 11.88 9.04
C GLU A 198 -9.52 11.04 7.91
N GLN A 199 -9.54 11.58 6.70
CA GLN A 199 -10.02 10.87 5.56
C GLN A 199 -9.17 9.60 5.27
N GLN A 200 -7.87 9.65 5.50
CA GLN A 200 -7.03 8.54 5.18
C GLN A 200 -7.09 7.50 6.27
N ILE A 201 -7.25 7.93 7.49
CA ILE A 201 -7.41 7.01 8.63
C ILE A 201 -8.66 6.18 8.41
N MET A 202 -9.72 6.86 8.00
CA MET A 202 -11.01 6.19 7.71
C MET A 202 -11.02 5.29 6.52
N MET A 203 -10.37 5.72 5.44
CA MET A 203 -10.30 4.93 4.23
C MET A 203 -9.72 3.57 4.47
N ALA A 204 -8.59 3.51 5.15
CA ALA A 204 -7.98 2.21 5.44
C ALA A 204 -8.92 1.26 6.16
N LYS A 205 -9.64 1.74 7.16
CA LYS A 205 -10.56 0.92 7.93
C LYS A 205 -11.71 0.48 7.04
N ALA A 206 -12.26 1.40 6.25
CA ALA A 206 -13.38 1.09 5.42
C ALA A 206 -13.01 0.00 4.38
N MET A 207 -11.78 0.08 3.85
CA MET A 207 -11.28 -0.87 2.89
C MET A 207 -11.01 -2.21 3.45
N ALA A 208 -10.48 -2.26 4.68
CA ALA A 208 -10.40 -3.53 5.43
C ALA A 208 -11.75 -4.22 5.56
N TRP A 209 -12.76 -3.45 5.96
CA TRP A 209 -14.09 -3.95 6.05
C TRP A 209 -14.68 -4.40 4.72
N ALA A 210 -14.61 -3.52 3.72
CA ALA A 210 -15.32 -3.76 2.47
C ALA A 210 -14.73 -4.99 1.76
N ASN A 211 -13.42 -5.26 1.95
CA ASN A 211 -12.78 -6.35 1.25
C ASN A 211 -12.39 -7.54 2.15
N ASN A 212 -12.91 -7.58 3.37
CA ASN A 212 -12.68 -8.66 4.33
C ASN A 212 -11.20 -9.02 4.30
N THR A 213 -10.33 -8.02 4.51
CA THR A 213 -8.84 -8.20 4.43
C THR A 213 -8.18 -7.53 5.61
N TYR A 214 -7.12 -8.09 6.15
CA TYR A 214 -6.19 -7.33 7.03
C TYR A 214 -5.63 -6.20 6.25
N VAL A 215 -5.36 -5.09 6.88
CA VAL A 215 -4.71 -3.91 6.25
C VAL A 215 -3.62 -3.44 7.21
N ALA A 216 -2.44 -3.13 6.63
CA ALA A 216 -1.37 -2.49 7.36
C ALA A 216 -0.96 -1.23 6.61
N VAL A 217 -0.78 -0.14 7.35
CA VAL A 217 -0.52 1.14 6.78
C VAL A 217 0.75 1.63 7.52
N ALA A 218 1.80 1.97 6.77
CA ALA A 218 2.97 2.67 7.34
C ALA A 218 3.00 4.01 6.69
N ASN A 219 2.87 5.06 7.46
CA ASN A 219 2.89 6.44 6.92
C ASN A 219 4.03 7.23 7.52
N ALA A 220 4.67 8.06 6.75
CA ALA A 220 5.73 8.96 7.17
C ALA A 220 5.26 10.05 8.15
N THR A 221 6.21 10.66 8.83
CA THR A 221 5.97 11.75 9.79
C THR A 221 6.99 12.86 9.53
N GLY A 222 6.82 13.95 10.25
CA GLY A 222 7.68 15.09 10.13
C GLY A 222 7.47 16.04 9.02
N PHE A 223 8.27 17.10 8.99
CA PHE A 223 8.19 18.12 7.98
C PHE A 223 9.42 17.99 7.14
N ASP A 224 9.33 18.00 5.82
CA ASP A 224 10.53 17.80 4.99
C ASP A 224 10.97 19.00 4.14
N GLY A 225 10.45 20.19 4.44
CA GLY A 225 10.80 21.35 3.66
C GLY A 225 9.67 21.75 2.76
N VAL A 226 8.78 20.79 2.49
CA VAL A 226 7.57 21.06 1.63
C VAL A 226 6.29 20.63 2.34
N TYR A 227 6.24 19.39 2.80
CA TYR A 227 5.07 18.75 3.36
C TYR A 227 5.32 18.34 4.76
N SER A 228 4.22 18.30 5.50
CA SER A 228 4.20 17.71 6.84
C SER A 228 3.39 16.44 6.69
N TYR A 229 3.95 15.33 7.12
CA TYR A 229 3.29 13.95 7.01
C TYR A 229 2.65 13.54 8.34
N PHE A 230 1.44 13.02 8.29
CA PHE A 230 0.62 12.89 9.50
C PHE A 230 0.67 11.55 10.24
N GLY A 231 1.56 10.64 9.90
CA GLY A 231 1.70 9.38 10.67
C GLY A 231 0.40 8.56 10.67
N HIS A 232 -0.03 8.06 11.83
CA HIS A 232 -1.20 7.19 11.92
C HIS A 232 -1.09 5.95 11.08
N SER A 233 0.17 5.45 11.03
CA SER A 233 0.44 4.07 10.70
C SER A 233 -0.52 3.21 11.56
N ALA A 234 -0.97 2.09 11.03
CA ALA A 234 -1.96 1.29 11.73
C ALA A 234 -1.93 -0.14 11.17
N ILE A 235 -2.40 -1.08 12.00
CA ILE A 235 -2.82 -2.41 11.51
C ILE A 235 -4.31 -2.56 11.84
N ILE A 236 -5.09 -3.07 10.91
CA ILE A 236 -6.53 -3.12 10.98
C ILE A 236 -7.00 -4.52 10.65
N GLY A 237 -7.97 -4.99 11.40
CA GLY A 237 -8.58 -6.30 11.17
C GLY A 237 -9.46 -6.38 9.96
N PHE A 238 -9.77 -7.62 9.52
CA PHE A 238 -10.62 -7.85 8.43
C PHE A 238 -12.11 -7.55 8.67
N ASP A 239 -12.42 -7.27 9.93
CA ASP A 239 -13.73 -6.82 10.37
C ASP A 239 -13.86 -5.30 10.51
N GLY A 240 -12.81 -4.59 10.06
CA GLY A 240 -12.89 -3.15 10.00
C GLY A 240 -12.43 -2.47 11.29
N ARG A 241 -12.05 -3.28 12.31
CA ARG A 241 -11.67 -2.68 13.58
C ARG A 241 -10.19 -2.53 13.66
N THR A 242 -9.76 -1.35 14.07
CA THR A 242 -8.34 -1.06 14.21
C THR A 242 -7.73 -2.01 15.22
N LEU A 243 -6.58 -2.60 14.90
CA LEU A 243 -5.78 -3.28 15.93
C LEU A 243 -4.97 -2.29 16.77
N GLY A 244 -4.04 -1.60 16.12
CA GLY A 244 -3.32 -0.53 16.80
C GLY A 244 -3.02 0.56 15.78
N GLU A 245 -2.89 1.76 16.30
CA GLU A 245 -2.71 2.91 15.43
C GLU A 245 -1.74 3.84 16.11
N CYS A 246 -0.74 4.33 15.34
CA CYS A 246 0.10 5.40 15.80
C CYS A 246 -0.59 6.77 15.81
N GLY A 247 0.03 7.74 16.49
CA GLY A 247 -0.32 9.10 16.34
C GLY A 247 0.53 9.74 15.22
N THR A 248 0.77 11.03 15.32
CA THR A 248 1.58 11.81 14.35
C THR A 248 3.05 11.83 14.72
N GLU A 249 3.46 11.05 15.73
CA GLU A 249 4.87 11.15 16.27
C GLU A 249 5.91 10.53 15.35
N GLU A 250 7.06 11.20 15.27
CA GLU A 250 8.21 10.76 14.52
C GLU A 250 8.69 9.44 15.05
N ASN A 251 8.78 8.46 14.16
CA ASN A 251 9.34 7.10 14.42
C ASN A 251 8.53 6.33 15.42
N GLY A 252 7.27 6.70 15.62
CA GLY A 252 6.31 5.74 16.21
C GLY A 252 6.33 4.40 15.53
N ILE A 253 5.90 3.42 16.28
CA ILE A 253 5.82 2.03 15.79
C ILE A 253 4.48 1.50 16.27
N GLN A 254 3.80 0.73 15.44
CA GLN A 254 2.72 -0.13 15.96
C GLN A 254 3.00 -1.59 15.60
N TYR A 255 2.38 -2.49 16.34
CA TYR A 255 2.65 -3.98 16.20
C TYR A 255 1.42 -4.72 16.56
N ALA A 256 0.96 -5.62 15.68
CA ALA A 256 -0.17 -6.45 15.93
C ALA A 256 -0.01 -7.81 15.34
N GLU A 257 -0.76 -8.77 15.89
CA GLU A 257 -0.72 -10.17 15.41
C GLU A 257 -1.96 -10.42 14.57
N VAL A 258 -1.80 -10.86 13.33
CA VAL A 258 -2.92 -11.14 12.49
C VAL A 258 -2.98 -12.68 12.28
N SER A 259 -4.14 -13.27 12.62
CA SER A 259 -4.35 -14.71 12.58
C SER A 259 -4.64 -15.18 11.18
N ILE A 260 -3.86 -16.12 10.71
CA ILE A 260 -4.12 -16.84 9.46
C ILE A 260 -5.45 -17.61 9.49
N SER A 261 -5.64 -18.37 10.52
CA SER A 261 -6.80 -19.21 10.58
C SER A 261 -8.01 -18.36 10.73
N GLN A 262 -7.95 -17.23 11.44
CA GLN A 262 -9.19 -16.42 11.56
C GLN A 262 -9.71 -15.86 10.22
N ILE A 263 -8.87 -15.30 9.35
CA ILE A 263 -9.35 -14.78 8.11
C ILE A 263 -9.88 -15.85 7.21
N ARG A 264 -9.22 -17.01 7.19
CA ARG A 264 -9.66 -18.15 6.34
C ARG A 264 -10.98 -18.73 6.88
N ASP A 265 -11.14 -18.76 8.20
CA ASP A 265 -12.40 -19.22 8.80
C ASP A 265 -13.55 -18.24 8.45
N PHE A 266 -13.29 -16.92 8.57
CA PHE A 266 -14.22 -15.89 8.20
C PHE A 266 -14.63 -15.98 6.69
N ARG A 267 -13.65 -16.03 5.80
CA ARG A 267 -13.95 -16.04 4.38
C ARG A 267 -14.77 -17.31 3.95
N LYS A 268 -14.57 -18.40 4.68
CA LYS A 268 -15.32 -19.60 4.53
C LYS A 268 -16.74 -19.55 5.12
N ASN A 269 -16.87 -19.00 6.32
CA ASN A 269 -18.11 -19.17 7.10
C ASN A 269 -18.94 -17.91 7.39
N ALA A 270 -18.38 -16.73 7.17
CA ALA A 270 -19.13 -15.53 7.20
C ALA A 270 -20.25 -15.57 6.17
N GLN A 271 -21.41 -15.02 6.55
CA GLN A 271 -22.53 -14.93 5.62
C GLN A 271 -22.99 -13.56 5.34
N SER A 272 -23.54 -12.83 6.32
CA SER A 272 -24.13 -11.55 5.95
C SER A 272 -23.11 -10.52 5.38
N GLN A 273 -21.87 -10.56 5.87
CA GLN A 273 -20.86 -9.58 5.45
C GLN A 273 -19.64 -10.23 4.81
N ASN A 274 -19.92 -11.37 4.14
CA ASN A 274 -18.97 -11.97 3.26
C ASN A 274 -19.03 -11.26 1.94
N HIS A 275 -18.40 -10.11 1.89
CA HIS A 275 -18.59 -9.18 0.78
C HIS A 275 -17.97 -9.73 -0.53
N LEU A 276 -16.86 -10.42 -0.42
CA LEU A 276 -16.23 -10.95 -1.63
C LEU A 276 -17.16 -12.01 -2.26
N PHE A 277 -17.66 -12.90 -1.44
CA PHE A 277 -18.60 -13.90 -1.90
C PHE A 277 -19.88 -13.28 -2.45
N LYS A 278 -20.47 -12.42 -1.65
CA LYS A 278 -21.79 -11.88 -1.98
C LYS A 278 -21.86 -11.02 -3.27
N LEU A 279 -20.79 -10.31 -3.61
CA LEU A 279 -20.72 -9.48 -4.84
C LEU A 279 -20.98 -10.24 -6.12
N LEU A 280 -20.58 -11.49 -6.15
CA LEU A 280 -20.71 -12.38 -7.26
C LEU A 280 -21.76 -13.45 -7.15
N HIS A 281 -22.64 -13.31 -6.14
CA HIS A 281 -23.81 -14.20 -5.94
C HIS A 281 -24.98 -13.36 -5.45
N ARG A 282 -25.36 -12.34 -6.18
CA ARG A 282 -26.34 -11.38 -5.68
C ARG A 282 -27.74 -12.01 -5.69
N GLY A 283 -28.47 -11.74 -4.62
CA GLY A 283 -29.84 -12.15 -4.49
C GLY A 283 -30.04 -13.65 -4.46
N TYR A 284 -29.13 -14.38 -3.84
CA TYR A 284 -29.25 -15.82 -3.87
C TYR A 284 -30.50 -16.35 -3.22
N THR A 285 -30.90 -15.72 -2.13
CA THR A 285 -32.10 -16.21 -1.40
C THR A 285 -33.34 -16.01 -2.27
N GLY A 286 -33.48 -14.79 -2.80
CA GLY A 286 -34.52 -14.43 -3.71
C GLY A 286 -34.66 -15.33 -4.94
N LEU A 287 -33.53 -15.65 -5.54
CA LEU A 287 -33.57 -16.51 -6.74
C LEU A 287 -34.00 -17.93 -6.36
N ILE A 288 -33.50 -18.46 -5.24
CA ILE A 288 -33.85 -19.79 -4.71
C ILE A 288 -35.38 -19.81 -4.56
N ASN A 289 -35.93 -18.81 -3.86
CA ASN A 289 -37.35 -18.76 -3.51
C ASN A 289 -38.20 -18.51 -4.74
N SER A 290 -37.59 -18.06 -5.83
CA SER A 290 -38.32 -17.75 -7.08
C SER A 290 -38.20 -18.87 -8.14
N GLY A 291 -37.60 -19.99 -7.69
CA GLY A 291 -37.30 -21.15 -8.49
C GLY A 291 -36.24 -20.96 -9.55
N GLU A 292 -35.21 -20.15 -9.31
CA GLU A 292 -34.19 -19.81 -10.35
C GLU A 292 -32.72 -20.22 -10.05
N GLY A 293 -32.54 -21.31 -9.36
CA GLY A 293 -31.17 -21.72 -9.18
C GLY A 293 -30.65 -21.21 -7.85
N ASP A 294 -29.53 -21.80 -7.42
CA ASP A 294 -29.05 -21.56 -6.06
C ASP A 294 -27.73 -20.82 -5.98
N ARG A 295 -27.36 -20.12 -7.09
CA ARG A 295 -26.08 -19.38 -7.16
C ARG A 295 -26.16 -17.85 -7.05
N GLY A 296 -27.38 -17.33 -7.00
CA GLY A 296 -27.58 -15.88 -7.16
C GLY A 296 -27.13 -15.43 -8.54
N VAL A 297 -26.80 -14.16 -8.69
CA VAL A 297 -26.44 -13.54 -9.95
C VAL A 297 -25.00 -13.00 -9.88
N ALA A 298 -24.17 -13.30 -10.89
CA ALA A 298 -22.77 -12.94 -10.98
C ALA A 298 -22.52 -11.76 -11.84
N GLU A 299 -23.31 -11.61 -12.93
CA GLU A 299 -23.20 -10.53 -13.88
C GLU A 299 -22.97 -9.10 -13.24
N CYS A 300 -22.05 -8.33 -13.80
CA CYS A 300 -21.72 -7.01 -13.29
C CYS A 300 -22.84 -6.07 -13.68
N PRO A 301 -23.54 -5.48 -12.71
CA PRO A 301 -24.70 -4.65 -13.04
C PRO A 301 -24.36 -3.13 -13.13
N PHE A 302 -23.07 -2.78 -13.08
CA PHE A 302 -22.59 -1.40 -13.00
C PHE A 302 -22.03 -0.93 -14.33
N ASP A 303 -22.80 -0.11 -15.05
CA ASP A 303 -22.43 0.39 -16.36
C ASP A 303 -21.05 1.09 -16.36
N PHE A 304 -20.70 1.77 -15.28
CA PHE A 304 -19.38 2.40 -15.30
C PHE A 304 -18.24 1.41 -15.50
N TYR A 305 -18.29 0.27 -14.86
CA TYR A 305 -17.14 -0.64 -14.99
C TYR A 305 -17.10 -1.27 -16.36
N ARG A 306 -18.29 -1.44 -16.83
CA ARG A 306 -18.43 -2.01 -18.17
C ARG A 306 -17.97 -1.12 -19.25
N THR A 307 -18.38 0.09 -19.21
CA THR A 307 -17.81 1.08 -20.12
C THR A 307 -16.26 1.26 -19.97
N TRP A 308 -15.77 1.33 -18.73
CA TRP A 308 -14.37 1.52 -18.47
C TRP A 308 -13.55 0.42 -19.15
N VAL A 309 -13.99 -0.82 -18.93
CA VAL A 309 -13.33 -2.02 -19.45
C VAL A 309 -13.39 -2.05 -21.01
N LEU A 310 -14.52 -1.73 -21.60
CA LEU A 310 -14.73 -1.87 -23.05
C LEU A 310 -14.27 -0.62 -23.80
N ASP A 311 -14.38 0.55 -23.19
CA ASP A 311 -14.10 1.80 -23.89
C ASP A 311 -13.61 2.84 -22.88
N ALA A 312 -12.37 2.72 -22.46
CA ALA A 312 -11.83 3.67 -21.48
C ALA A 312 -11.87 5.12 -21.94
N GLU A 313 -11.77 5.35 -23.25
CA GLU A 313 -11.83 6.73 -23.75
C GLU A 313 -13.20 7.31 -23.56
N LYS A 314 -14.23 6.53 -23.74
CA LYS A 314 -15.59 6.98 -23.49
C LYS A 314 -15.75 7.27 -21.98
N ALA A 315 -15.26 6.38 -21.13
CA ALA A 315 -15.40 6.57 -19.67
C ALA A 315 -14.62 7.86 -19.27
N ARG A 316 -13.50 8.12 -19.93
CA ARG A 316 -12.75 9.34 -19.65
C ARG A 316 -13.51 10.59 -20.07
N GLU A 317 -14.03 10.57 -21.29
CA GLU A 317 -14.87 11.64 -21.77
C GLU A 317 -16.05 11.99 -20.83
N ASN A 318 -16.75 10.95 -20.41
CA ASN A 318 -17.87 11.01 -19.47
C ASN A 318 -17.43 11.71 -18.20
N VAL A 319 -16.32 11.27 -17.65
CA VAL A 319 -15.85 11.92 -16.43
C VAL A 319 -15.41 13.35 -16.66
N GLU A 320 -14.83 13.65 -17.84
CA GLU A 320 -14.45 15.08 -18.06
C GLU A 320 -15.65 16.00 -18.08
N LYS A 321 -16.81 15.52 -18.56
CA LYS A 321 -18.05 16.34 -18.50
C LYS A 321 -18.39 16.70 -17.06
N ILE A 322 -18.19 15.78 -16.14
CA ILE A 322 -18.58 15.93 -14.69
C ILE A 322 -17.53 16.75 -13.86
N THR A 323 -16.31 16.86 -14.40
CA THR A 323 -15.17 17.42 -13.64
C THR A 323 -14.61 18.52 -14.56
N ARG A 324 -13.53 18.25 -15.31
CA ARG A 324 -13.02 19.21 -16.26
C ARG A 324 -12.30 18.43 -17.35
N SER A 325 -12.01 19.09 -18.48
CA SER A 325 -11.46 18.40 -19.68
C SER A 325 -9.92 18.38 -19.71
N THR A 326 -9.26 19.25 -18.97
CA THR A 326 -7.79 19.32 -18.98
C THR A 326 -7.30 18.90 -17.60
N VAL A 327 -6.09 18.35 -17.51
CA VAL A 327 -5.53 17.86 -16.24
C VAL A 327 -5.32 19.02 -15.21
N GLY A 328 -5.11 20.23 -15.74
CA GLY A 328 -4.86 21.43 -14.93
C GLY A 328 -6.11 22.33 -14.88
N THR A 329 -6.10 23.28 -13.96
CA THR A 329 -7.22 24.26 -13.83
C THR A 329 -6.61 25.62 -13.75
N ALA A 330 -7.11 26.54 -14.62
CA ALA A 330 -6.63 27.94 -14.66
C ALA A 330 -6.85 28.69 -13.32
N GLU A 331 -7.84 28.25 -12.55
CA GLU A 331 -8.07 28.87 -11.21
C GLU A 331 -6.92 28.51 -10.19
N CYS A 332 -6.13 27.47 -10.47
CA CYS A 332 -5.04 27.07 -9.54
C CYS A 332 -3.96 26.45 -10.41
N PRO A 333 -3.24 27.31 -11.16
CA PRO A 333 -2.29 26.81 -12.12
C PRO A 333 -1.07 26.17 -11.51
N ILE A 334 -0.46 25.22 -12.22
CA ILE A 334 0.77 24.58 -11.75
C ILE A 334 1.69 24.45 -12.99
N GLN A 335 2.95 24.87 -12.82
CA GLN A 335 3.85 24.94 -13.99
C GLN A 335 4.00 23.51 -14.54
N GLY A 336 3.81 23.36 -15.84
CA GLY A 336 4.03 22.07 -16.49
C GLY A 336 2.75 21.29 -16.56
N ILE A 337 1.68 21.77 -15.90
CA ILE A 337 0.41 21.08 -15.98
C ILE A 337 -0.56 21.95 -16.82
N PRO A 338 -0.97 21.48 -18.02
CA PRO A 338 -1.78 22.40 -18.83
C PRO A 338 -3.24 22.57 -18.46
N ASN A 339 -3.78 23.73 -18.79
CA ASN A 339 -5.18 24.01 -18.45
C ASN A 339 -5.86 24.79 -19.60
N GLU A 340 -7.10 25.25 -19.36
CA GLU A 340 -8.03 26.06 -20.25
C GLU A 340 -8.55 25.21 -21.36
#